data_9KRC
#
_entry.id   9KRC
#
_cell.length_a   50.424
_cell.length_b   53.453
_cell.length_c   65.939
_cell.angle_alpha   90.000
_cell.angle_beta   90.000
_cell.angle_gamma   90.000
#
_symmetry.space_group_name_H-M   'P 21 21 21'
#
loop_
_entity.id
_entity.type
_entity.pdbx_description
1 polymer 'Cytochrome c6'
2 non-polymer 'HEME C'
3 non-polymer 'SULFATE ION'
4 water water
#
_entity_poly.entity_id   1
_entity_poly.type   'polypeptide(L)'
_entity_poly.pdbx_seq_one_letter_code
;GSADLAHGGQVFSANCAACHLGGRNVVNPAKTLQKADLDQYGMASIEAITTQVTNGKGAMPAFGSKLSADDIADVASYVL
DQSEKGWQG
;
_entity_poly.pdbx_strand_id   A,B
#
loop_
_chem_comp.id
_chem_comp.type
_chem_comp.name
_chem_comp.formula
HEC non-polymer 'HEME C' 'C34 H34 Fe N4 O4'
SO4 non-polymer 'SULFATE ION' 'O4 S -2'
#
# COMPACT_ATOMS: atom_id res chain seq x y z
N GLY A 1 -7.00 -2.42 -25.66
CA GLY A 1 -7.83 -1.98 -24.54
C GLY A 1 -8.06 -0.49 -24.54
N SER A 2 -8.78 -0.02 -23.53
CA SER A 2 -9.01 1.42 -23.37
C SER A 2 -7.67 2.12 -23.17
N ALA A 3 -7.52 3.28 -23.77
CA ALA A 3 -6.27 4.00 -23.70
C ALA A 3 -6.56 5.50 -23.69
N ASP A 4 -7.43 5.89 -22.77
CA ASP A 4 -7.86 7.27 -22.59
C ASP A 4 -6.88 7.89 -21.59
N LEU A 5 -5.90 8.65 -22.10
CA LEU A 5 -4.81 9.12 -21.25
C LEU A 5 -5.31 10.05 -20.17
N ALA A 6 -6.15 11.03 -20.54
CA ALA A 6 -6.57 12.01 -19.54
C ALA A 6 -7.43 11.35 -18.48
N HIS A 7 -8.28 10.39 -18.87
CA HIS A 7 -8.98 9.65 -17.85
C HIS A 7 -8.02 8.84 -17.01
N GLY A 8 -7.01 8.24 -17.66
CA GLY A 8 -5.99 7.53 -16.90
C GLY A 8 -5.32 8.42 -15.87
N GLY A 9 -5.09 9.69 -16.21
CA GLY A 9 -4.53 10.60 -15.24
C GLY A 9 -5.46 10.87 -14.07
N GLN A 10 -6.78 10.91 -14.32
CA GLN A 10 -7.72 11.04 -13.23
C GLN A 10 -7.72 9.80 -12.34
N VAL A 11 -7.69 8.61 -12.96
CA VAL A 11 -7.57 7.38 -12.17
C VAL A 11 -6.29 7.41 -11.38
N PHE A 12 -5.20 7.89 -11.99
CA PHE A 12 -3.92 7.95 -11.30
C PHE A 12 -4.00 8.85 -10.10
N SER A 13 -4.58 10.04 -10.25
CA SER A 13 -4.68 10.96 -9.12
C SER A 13 -5.45 10.32 -7.97
N ALA A 14 -6.55 9.64 -8.28
CA ALA A 14 -7.42 9.14 -7.22
C ALA A 14 -6.89 7.88 -6.56
N ASN A 15 -6.04 7.12 -7.24
CA ASN A 15 -5.68 5.79 -6.78
C ASN A 15 -4.20 5.56 -6.61
N CYS A 16 -3.36 6.35 -7.25
CA CYS A 16 -1.94 6.05 -7.31
C CYS A 16 -1.07 7.16 -6.76
N ALA A 17 -1.54 8.41 -6.81
CA ALA A 17 -0.70 9.55 -6.46
C ALA A 17 -0.33 9.58 -4.99
N ALA A 18 -1.08 8.87 -4.13
CA ALA A 18 -0.68 8.78 -2.73
C ALA A 18 0.72 8.20 -2.59
N CYS A 19 1.11 7.32 -3.49
CA CYS A 19 2.41 6.68 -3.42
C CYS A 19 3.32 7.02 -4.59
N HIS A 20 2.78 7.45 -5.71
CA HIS A 20 3.54 7.60 -6.94
C HIS A 20 3.45 9.01 -7.49
N LEU A 21 3.18 10.01 -6.64
CA LEU A 21 3.17 11.39 -7.09
C LEU A 21 4.43 11.68 -7.88
N GLY A 22 4.26 12.33 -9.02
CA GLY A 22 5.40 12.72 -9.83
C GLY A 22 6.18 11.56 -10.42
N GLY A 23 5.60 10.35 -10.43
CA GLY A 23 6.27 9.18 -10.94
C GLY A 23 7.26 8.55 -9.98
N ARG A 24 7.28 9.00 -8.73
CA ARG A 24 8.19 8.45 -7.74
C ARG A 24 7.55 7.24 -7.06
N ASN A 25 8.14 6.80 -5.95
CA ASN A 25 7.52 5.73 -5.16
C ASN A 25 7.93 6.00 -3.72
N VAL A 26 7.01 6.56 -2.93
CA VAL A 26 7.34 6.98 -1.59
C VAL A 26 7.67 5.81 -0.69
N VAL A 27 7.16 4.62 -1.03
CA VAL A 27 7.39 3.44 -0.21
C VAL A 27 8.72 2.78 -0.57
N ASN A 28 9.02 2.70 -1.86
CA ASN A 28 10.23 2.03 -2.33
C ASN A 28 10.82 2.87 -3.44
N PRO A 29 11.77 3.75 -3.11
CA PRO A 29 12.35 4.63 -4.13
C PRO A 29 13.15 3.91 -5.19
N ALA A 30 13.46 2.63 -5.02
CA ALA A 30 14.11 1.90 -6.09
C ALA A 30 13.15 1.46 -7.18
N LYS A 31 11.84 1.56 -6.92
CA LYS A 31 10.85 1.05 -7.86
C LYS A 31 9.89 2.15 -8.26
N THR A 32 10.42 3.21 -8.88
CA THR A 32 9.59 4.32 -9.26
C THR A 32 8.89 4.01 -10.58
N LEU A 33 8.11 4.97 -11.06
CA LEU A 33 7.51 4.87 -12.38
C LEU A 33 8.35 5.57 -13.43
N GLN A 34 9.59 5.91 -13.10
CA GLN A 34 10.49 6.49 -14.08
C GLN A 34 10.90 5.42 -15.10
N LYS A 35 11.18 5.90 -16.31
CA LYS A 35 11.44 5.00 -17.45
C LYS A 35 12.53 3.98 -17.12
N ALA A 36 13.62 4.42 -16.51
CA ALA A 36 14.72 3.49 -16.27
C ALA A 36 14.30 2.36 -15.33
N ASP A 37 13.46 2.67 -14.33
CA ASP A 37 13.01 1.62 -13.42
C ASP A 37 12.00 0.70 -14.11
N LEU A 38 11.01 1.28 -14.80
CA LEU A 38 10.07 0.42 -15.50
C LEU A 38 10.79 -0.49 -16.49
N ASP A 39 11.75 0.06 -17.23
CA ASP A 39 12.52 -0.76 -18.18
C ASP A 39 13.26 -1.87 -17.45
N GLN A 40 13.95 -1.52 -16.35
CA GLN A 40 14.76 -2.49 -15.63
C GLN A 40 13.93 -3.66 -15.12
N TYR A 41 12.76 -3.37 -14.57
CA TYR A 41 11.95 -4.39 -13.93
C TYR A 41 10.89 -4.99 -14.86
N GLY A 42 10.98 -4.74 -16.16
CA GLY A 42 10.03 -5.33 -17.10
C GLY A 42 8.62 -4.82 -16.91
N MET A 43 8.49 -3.57 -16.48
CA MET A 43 7.19 -2.99 -16.17
C MET A 43 6.79 -1.91 -17.15
N ALA A 44 7.52 -1.77 -18.25
CA ALA A 44 7.28 -0.72 -19.23
C ALA A 44 6.42 -1.22 -20.38
N SER A 45 5.35 -1.93 -20.03
CA SER A 45 4.36 -2.36 -21.01
C SER A 45 2.99 -2.23 -20.37
N ILE A 46 1.98 -2.07 -21.22
CA ILE A 46 0.63 -1.89 -20.72
C ILE A 46 0.21 -3.08 -19.87
N GLU A 47 0.44 -4.31 -20.35
CA GLU A 47 -0.05 -5.45 -19.59
C GLU A 47 0.74 -5.66 -18.31
N ALA A 48 2.04 -5.32 -18.29
CA ALA A 48 2.76 -5.42 -17.04
C ALA A 48 2.15 -4.52 -15.99
N ILE A 49 1.82 -3.29 -16.39
CA ILE A 49 1.24 -2.34 -15.45
C ILE A 49 -0.18 -2.75 -15.07
N THR A 50 -1.00 -3.15 -16.06
CA THR A 50 -2.37 -3.56 -15.71
C THR A 50 -2.36 -4.74 -14.75
N THR A 51 -1.46 -5.71 -14.98
CA THR A 51 -1.43 -6.88 -14.11
C THR A 51 -1.05 -6.50 -12.70
N GLN A 52 -0.04 -5.64 -12.54
CA GLN A 52 0.38 -5.29 -11.19
C GLN A 52 -0.65 -4.40 -10.51
N VAL A 53 -1.31 -3.51 -11.27
CA VAL A 53 -2.40 -2.74 -10.68
C VAL A 53 -3.53 -3.67 -10.25
N THR A 54 -3.85 -4.65 -11.09
CA THR A 54 -4.95 -5.55 -10.77
C THR A 54 -4.67 -6.36 -9.53
N ASN A 55 -3.47 -6.91 -9.43
CA ASN A 55 -3.19 -7.91 -8.42
C ASN A 55 -2.45 -7.36 -7.22
N GLY A 56 -1.88 -6.16 -7.31
CA GLY A 56 -1.00 -5.67 -6.27
C GLY A 56 0.34 -6.37 -6.32
N LYS A 57 1.27 -5.93 -5.51
CA LYS A 57 2.56 -6.61 -5.39
C LYS A 57 3.27 -6.07 -4.17
N GLY A 58 3.66 -6.95 -3.26
CA GLY A 58 4.36 -6.48 -2.07
C GLY A 58 3.50 -5.48 -1.32
N ALA A 59 4.10 -4.33 -1.00
CA ALA A 59 3.38 -3.29 -0.28
C ALA A 59 2.41 -2.52 -1.17
N MET A 60 2.40 -2.74 -2.48
CA MET A 60 1.45 -2.06 -3.34
C MET A 60 0.11 -2.77 -3.29
N PRO A 61 -0.98 -2.07 -2.99
CA PRO A 61 -2.30 -2.71 -2.97
C PRO A 61 -2.73 -3.16 -4.36
N ALA A 62 -3.70 -4.07 -4.35
CA ALA A 62 -4.42 -4.50 -5.54
C ALA A 62 -5.59 -3.58 -5.80
N PHE A 63 -5.91 -3.41 -7.06
CA PHE A 63 -7.03 -2.58 -7.50
C PHE A 63 -8.02 -3.34 -8.36
N GLY A 64 -7.81 -4.64 -8.56
CA GLY A 64 -8.60 -5.40 -9.51
C GLY A 64 -10.09 -5.44 -9.22
N SER A 65 -10.49 -5.28 -7.96
CA SER A 65 -11.91 -5.28 -7.62
CA SER A 65 -11.91 -5.28 -7.62
C SER A 65 -12.49 -3.89 -7.49
N LYS A 66 -11.65 -2.86 -7.39
CA LYS A 66 -12.08 -1.50 -7.15
C LYS A 66 -12.19 -0.67 -8.42
N LEU A 67 -11.53 -1.07 -9.49
CA LEU A 67 -11.52 -0.31 -10.73
C LEU A 67 -12.01 -1.18 -11.87
N SER A 68 -12.67 -0.56 -12.83
CA SER A 68 -13.04 -1.31 -14.02
C SER A 68 -11.79 -1.69 -14.80
N ALA A 69 -11.93 -2.71 -15.65
CA ALA A 69 -10.81 -3.08 -16.49
C ALA A 69 -10.35 -1.91 -17.35
N ASP A 70 -11.30 -1.11 -17.85
CA ASP A 70 -10.92 0.04 -18.66
C ASP A 70 -10.23 1.11 -17.83
N ASP A 71 -10.66 1.32 -16.58
CA ASP A 71 -9.95 2.26 -15.71
C ASP A 71 -8.51 1.84 -15.56
N ILE A 72 -8.28 0.54 -15.38
CA ILE A 72 -6.93 0.03 -15.18
C ILE A 72 -6.12 0.16 -16.47
N ALA A 73 -6.74 -0.12 -17.61
CA ALA A 73 -6.08 0.08 -18.88
C ALA A 73 -5.73 1.55 -19.09
N ASP A 74 -6.66 2.45 -18.73
CA ASP A 74 -6.40 3.87 -18.89
C ASP A 74 -5.25 4.32 -17.99
N VAL A 75 -5.22 3.87 -16.73
CA VAL A 75 -4.14 4.31 -15.85
C VAL A 75 -2.81 3.74 -16.32
N ALA A 76 -2.82 2.52 -16.84
CA ALA A 76 -1.58 1.96 -17.39
C ALA A 76 -1.09 2.79 -18.56
N SER A 77 -2.02 3.19 -19.45
CA SER A 77 -1.65 4.02 -20.59
C SER A 77 -1.07 5.34 -20.12
N TYR A 78 -1.69 5.94 -19.10
CA TYR A 78 -1.18 7.19 -18.55
C TYR A 78 0.21 7.01 -17.97
N VAL A 79 0.42 5.96 -17.17
CA VAL A 79 1.73 5.72 -16.57
C VAL A 79 2.80 5.56 -17.65
N LEU A 80 2.52 4.72 -18.64
CA LEU A 80 3.51 4.51 -19.69
C LEU A 80 3.81 5.81 -20.42
N ASP A 81 2.77 6.57 -20.74
CA ASP A 81 2.96 7.82 -21.48
C ASP A 81 3.79 8.80 -20.66
N GLN A 82 3.45 8.98 -19.40
CA GLN A 82 4.18 9.91 -18.55
C GLN A 82 5.62 9.44 -18.36
N SER A 83 5.81 8.15 -18.16
CA SER A 83 7.16 7.64 -17.97
C SER A 83 8.01 7.89 -19.21
N GLU A 84 7.45 7.63 -20.39
CA GLU A 84 8.25 7.82 -21.60
C GLU A 84 8.53 9.30 -21.86
N LYS A 85 7.57 10.17 -21.58
CA LYS A 85 7.76 11.60 -21.77
C LYS A 85 8.63 12.23 -20.70
N GLY A 86 8.63 11.66 -19.50
CA GLY A 86 9.25 12.31 -18.37
C GLY A 86 8.16 12.88 -17.47
N TRP A 87 8.14 12.43 -16.23
CA TRP A 87 7.13 12.88 -15.29
C TRP A 87 7.35 14.33 -14.85
N GLN A 88 6.29 14.92 -14.34
CA GLN A 88 6.35 16.22 -13.70
C GLN A 88 5.70 16.12 -12.33
N GLY A 89 6.10 17.00 -11.43
CA GLY A 89 5.44 17.12 -10.15
C GLY A 89 6.15 16.41 -9.03
N GLY B 1 -7.80 -15.19 21.04
CA GLY B 1 -6.91 -15.29 19.91
C GLY B 1 -5.42 -15.27 20.27
N SER B 2 -4.59 -15.39 19.24
CA SER B 2 -3.15 -15.34 19.45
C SER B 2 -2.75 -13.92 19.84
N ALA B 3 -1.83 -13.80 20.79
CA ALA B 3 -1.34 -12.50 21.22
C ALA B 3 0.13 -12.59 21.54
N ASP B 4 0.87 -13.22 20.64
CA ASP B 4 2.31 -13.42 20.77
C ASP B 4 2.96 -12.12 20.30
N LEU B 5 3.34 -11.27 21.27
CA LEU B 5 3.86 -9.94 20.94
C LEU B 5 5.14 -10.02 20.14
N ALA B 6 6.08 -10.86 20.58
CA ALA B 6 7.37 -10.92 19.89
C ALA B 6 7.17 -11.41 18.46
N HIS B 7 6.32 -12.41 18.27
CA HIS B 7 6.04 -12.83 16.91
C HIS B 7 5.33 -11.72 16.14
N GLY B 8 4.42 -11.01 16.80
CA GLY B 8 3.80 -9.86 16.17
C GLY B 8 4.81 -8.84 15.69
N GLY B 9 5.89 -8.63 16.45
CA GLY B 9 6.92 -7.70 16.02
C GLY B 9 7.66 -8.20 14.81
N GLN B 10 7.86 -9.51 14.71
CA GLN B 10 8.45 -10.12 13.52
C GLN B 10 7.54 -9.94 12.31
N VAL B 11 6.25 -10.27 12.46
CA VAL B 11 5.30 -10.01 11.39
C VAL B 11 5.32 -8.54 11.01
N PHE B 12 5.41 -7.66 12.01
CA PHE B 12 5.43 -6.23 11.72
C PHE B 12 6.64 -5.85 10.88
N SER B 13 7.81 -6.36 11.26
CA SER B 13 9.02 -6.04 10.52
C SER B 13 8.95 -6.55 9.09
N ALA B 14 8.33 -7.72 8.89
CA ALA B 14 8.32 -8.33 7.57
C ALA B 14 7.25 -7.75 6.66
N ASN B 15 6.21 -7.14 7.22
CA ASN B 15 5.02 -6.79 6.45
C ASN B 15 4.58 -5.35 6.59
N CYS B 16 4.91 -4.68 7.68
CA CYS B 16 4.34 -3.37 7.97
C CYS B 16 5.37 -2.27 7.99
N ALA B 17 6.64 -2.61 8.27
CA ALA B 17 7.65 -1.60 8.47
C ALA B 17 7.94 -0.81 7.21
N ALA B 18 7.59 -1.36 6.03
CA ALA B 18 7.78 -0.60 4.79
C ALA B 18 7.06 0.73 4.85
N CYS B 19 5.93 0.80 5.55
CA CYS B 19 5.15 2.02 5.65
C CYS B 19 5.02 2.55 7.06
N HIS B 20 5.22 1.72 8.08
CA HIS B 20 4.95 2.08 9.46
C HIS B 20 6.18 1.93 10.36
N LEU B 21 7.38 2.02 9.81
CA LEU B 21 8.58 1.91 10.65
C LEU B 21 8.47 2.88 11.81
N GLY B 22 8.78 2.39 13.01
CA GLY B 22 8.73 3.23 14.19
C GLY B 22 7.35 3.68 14.58
N GLY B 23 6.30 3.08 14.01
CA GLY B 23 4.94 3.51 14.30
C GLY B 23 4.46 4.67 13.46
N ARG B 24 5.26 5.10 12.50
CA ARG B 24 4.89 6.21 11.63
C ARG B 24 3.95 5.73 10.53
N ASN B 25 3.72 6.57 9.52
CA ASN B 25 2.98 6.16 8.33
C ASN B 25 3.50 7.02 7.19
N VAL B 26 4.43 6.46 6.41
CA VAL B 26 5.07 7.24 5.36
C VAL B 26 4.08 7.66 4.28
N VAL B 27 3.01 6.87 4.10
CA VAL B 27 2.04 7.21 3.06
C VAL B 27 1.06 8.25 3.57
N ASN B 28 0.77 8.27 4.86
CA ASN B 28 -0.19 9.20 5.42
C ASN B 28 0.23 9.52 6.85
N PRO B 29 1.06 10.56 7.02
CA PRO B 29 1.53 10.90 8.38
C PRO B 29 0.43 11.35 9.33
N ALA B 30 -0.79 11.58 8.85
CA ALA B 30 -1.90 11.88 9.74
C ALA B 30 -2.50 10.63 10.38
N LYS B 31 -2.15 9.45 9.86
CA LYS B 31 -2.72 8.20 10.34
C LYS B 31 -1.60 7.23 10.73
N THR B 32 -0.83 7.61 11.73
CA THR B 32 0.24 6.76 12.21
C THR B 32 -0.31 5.71 13.17
N LEU B 33 0.60 4.91 13.70
CA LEU B 33 0.24 3.91 14.71
C LEU B 33 0.40 4.45 16.13
N GLN B 34 0.63 5.74 16.27
CA GLN B 34 0.72 6.34 17.58
C GLN B 34 -0.65 6.36 18.25
N LYS B 35 -0.64 6.30 19.58
CA LYS B 35 -1.87 6.19 20.36
C LYS B 35 -2.90 7.24 19.96
N ALA B 36 -2.49 8.51 19.83
CA ALA B 36 -3.45 9.58 19.57
C ALA B 36 -4.15 9.37 18.23
N ASP B 37 -3.41 8.87 17.23
CA ASP B 37 -4.00 8.65 15.92
C ASP B 37 -4.91 7.43 15.94
N LEU B 38 -4.48 6.35 16.57
CA LEU B 38 -5.38 5.20 16.70
C LEU B 38 -6.67 5.61 17.40
N ASP B 39 -6.57 6.41 18.47
CA ASP B 39 -7.76 6.87 19.16
C ASP B 39 -8.62 7.73 18.25
N GLN B 40 -8.00 8.67 17.54
CA GLN B 40 -8.74 9.60 16.68
C GLN B 40 -9.61 8.85 15.68
N TYR B 41 -9.09 7.77 15.11
CA TYR B 41 -9.75 7.07 14.02
C TYR B 41 -10.41 5.77 14.46
N GLY B 42 -10.57 5.56 15.76
CA GLY B 42 -11.28 4.38 16.24
C GLY B 42 -10.56 3.09 15.94
N MET B 43 -9.23 3.12 15.95
CA MET B 43 -8.41 2.00 15.54
C MET B 43 -7.65 1.39 16.70
N ALA B 44 -7.92 1.83 17.91
CA ALA B 44 -7.21 1.36 19.10
C ALA B 44 -7.84 0.10 19.67
N SER B 45 -8.03 -0.90 18.83
CA SER B 45 -8.52 -2.18 19.31
C SER B 45 -8.00 -3.29 18.42
N ILE B 46 -7.92 -4.48 19.00
CA ILE B 46 -7.49 -5.65 18.23
C ILE B 46 -8.44 -5.89 17.08
N GLU B 47 -9.74 -5.78 17.33
CA GLU B 47 -10.71 -6.05 16.29
C GLU B 47 -10.54 -5.07 15.13
N ALA B 48 -10.37 -3.79 15.43
CA ALA B 48 -10.23 -2.80 14.37
C ALA B 48 -8.96 -3.02 13.58
N ILE B 49 -7.85 -3.27 14.27
CA ILE B 49 -6.59 -3.46 13.57
C ILE B 49 -6.63 -4.73 12.73
N THR B 50 -7.15 -5.81 13.29
CA THR B 50 -7.18 -7.05 12.53
CA THR B 50 -7.26 -7.09 12.57
C THR B 50 -8.05 -6.91 11.29
N THR B 51 -9.19 -6.23 11.39
CA THR B 51 -10.01 -6.04 10.20
C THR B 51 -9.23 -5.29 9.13
N GLN B 52 -8.54 -4.22 9.52
CA GLN B 52 -7.87 -3.40 8.52
C GLN B 52 -6.66 -4.11 7.94
N VAL B 53 -5.94 -4.88 8.74
CA VAL B 53 -4.82 -5.65 8.23
C VAL B 53 -5.31 -6.72 7.28
N THR B 54 -6.40 -7.39 7.64
CA THR B 54 -6.89 -8.49 6.81
C THR B 54 -7.41 -7.97 5.48
N ASN B 55 -8.16 -6.87 5.50
CA ASN B 55 -8.89 -6.40 4.34
C ASN B 55 -8.24 -5.24 3.61
N GLY B 56 -7.26 -4.58 4.20
CA GLY B 56 -6.73 -3.35 3.65
C GLY B 56 -7.68 -2.18 3.80
N LYS B 57 -7.20 -0.98 3.49
CA LYS B 57 -8.05 0.19 3.50
C LYS B 57 -7.32 1.30 2.75
N GLY B 58 -7.97 1.86 1.74
CA GLY B 58 -7.33 2.93 0.99
C GLY B 58 -6.02 2.47 0.40
N ALA B 59 -4.96 3.23 0.67
CA ALA B 59 -3.65 2.88 0.15
C ALA B 59 -2.98 1.77 0.94
N MET B 60 -3.58 1.31 2.03
CA MET B 60 -2.99 0.20 2.78
C MET B 60 -3.40 -1.11 2.15
N PRO B 61 -2.46 -1.97 1.76
CA PRO B 61 -2.83 -3.25 1.17
C PRO B 61 -3.46 -4.18 2.20
N ALA B 62 -4.19 -5.16 1.68
CA ALA B 62 -4.75 -6.25 2.47
C ALA B 62 -3.69 -7.32 2.67
N PHE B 63 -3.76 -7.99 3.82
CA PHE B 63 -2.80 -9.05 4.16
C PHE B 63 -3.44 -10.39 4.38
N GLY B 64 -4.76 -10.51 4.21
CA GLY B 64 -5.44 -11.75 4.53
C GLY B 64 -4.99 -12.94 3.71
N SER B 65 -4.52 -12.71 2.48
N SER B 65 -4.53 -12.71 2.48
CA SER B 65 -4.11 -13.83 1.66
CA SER B 65 -4.10 -13.81 1.63
C SER B 65 -2.71 -14.31 2.03
C SER B 65 -2.70 -14.29 1.97
N LYS B 66 -1.87 -13.44 2.58
CA LYS B 66 -0.48 -13.77 2.86
C LYS B 66 -0.25 -14.22 4.30
N LEU B 67 -1.02 -13.71 5.24
CA LEU B 67 -0.78 -13.95 6.64
C LEU B 67 -1.86 -14.84 7.22
N SER B 68 -1.48 -15.66 8.20
CA SER B 68 -2.46 -16.46 8.90
C SER B 68 -3.26 -15.58 9.85
N ALA B 69 -4.39 -16.13 10.32
CA ALA B 69 -5.17 -15.40 11.31
C ALA B 69 -4.33 -15.11 12.56
N ASP B 70 -3.51 -16.07 12.99
CA ASP B 70 -2.68 -15.84 14.17
C ASP B 70 -1.61 -14.80 13.89
N ASP B 71 -1.03 -14.79 12.68
CA ASP B 71 -0.07 -13.75 12.34
C ASP B 71 -0.69 -12.37 12.51
N ILE B 72 -1.92 -12.22 12.03
CA ILE B 72 -2.59 -10.93 12.08
C ILE B 72 -2.98 -10.57 13.51
N ALA B 73 -3.44 -11.55 14.29
CA ALA B 73 -3.72 -11.30 15.70
C ALA B 73 -2.45 -10.88 16.43
N ASP B 74 -1.34 -11.55 16.13
CA ASP B 74 -0.08 -11.20 16.78
C ASP B 74 0.35 -9.79 16.41
N VAL B 75 0.25 -9.42 15.12
CA VAL B 75 0.73 -8.10 14.74
C VAL B 75 -0.19 -7.02 15.30
N ALA B 76 -1.49 -7.29 15.36
CA ALA B 76 -2.41 -6.35 15.97
C ALA B 76 -2.05 -6.12 17.44
N SER B 77 -1.77 -7.22 18.15
CA SER B 77 -1.38 -7.11 19.55
C SER B 77 -0.08 -6.35 19.69
N TYR B 78 0.87 -6.61 18.79
CA TYR B 78 2.13 -5.88 18.81
C TYR B 78 1.89 -4.39 18.60
N VAL B 79 1.09 -4.02 17.60
CA VAL B 79 0.85 -2.62 17.31
C VAL B 79 0.23 -1.93 18.53
N LEU B 80 -0.80 -2.56 19.12
CA LEU B 80 -1.47 -1.92 20.24
C LEU B 80 -0.51 -1.78 21.42
N ASP B 81 0.29 -2.82 21.66
CA ASP B 81 1.26 -2.78 22.75
C ASP B 81 2.29 -1.67 22.52
N GLN B 82 2.82 -1.57 21.31
CA GLN B 82 3.78 -0.52 21.02
C GLN B 82 3.15 0.85 21.15
N SER B 83 1.90 0.99 20.73
CA SER B 83 1.25 2.30 20.85
C SER B 83 1.09 2.69 22.31
N GLU B 84 0.83 1.72 23.20
CA GLU B 84 0.70 2.01 24.61
C GLU B 84 2.05 2.30 25.25
N LYS B 85 3.11 1.63 24.79
CA LYS B 85 4.43 1.84 25.37
C LYS B 85 5.14 3.04 24.76
N GLY B 86 4.56 3.65 23.74
CA GLY B 86 5.32 4.60 22.96
C GLY B 86 6.31 3.86 22.09
N TRP B 87 6.15 4.02 20.79
CA TRP B 87 6.97 3.37 19.80
C TRP B 87 8.43 3.81 19.91
N GLN B 88 9.29 3.05 19.23
CA GLN B 88 10.70 3.38 19.06
C GLN B 88 11.09 3.06 17.61
N GLY B 89 12.11 3.76 17.12
CA GLY B 89 12.64 3.49 15.79
C GLY B 89 12.34 4.54 14.74
FE HEC C . 2.45 1.16 -7.29
CHA HEC C . 5.31 -0.57 -7.94
CHB HEC C . 1.85 1.40 -10.66
CHC HEC C . -0.53 2.59 -6.66
CHD HEC C . 3.25 1.38 -3.99
NA HEC C . 3.40 0.57 -8.96
C1A HEC C . 4.59 -0.09 -9.01
C2A HEC C . 4.99 -0.26 -10.40
C3A HEC C . 4.02 0.28 -11.13
C4A HEC C . 3.00 0.79 -10.26
CMA HEC C . 3.96 0.39 -12.67
CAA HEC C . 6.31 -0.90 -10.88
CBA HEC C . 7.42 0.15 -10.64
CGA HEC C . 8.80 -0.37 -11.00
O1A HEC C . 9.78 0.44 -11.03
O2A HEC C . 8.94 -1.59 -11.26
NB HEC C . 0.95 1.81 -8.44
C1B HEC C . 0.87 1.85 -9.81
C2B HEC C . -0.46 2.27 -10.19
C3B HEC C . -1.10 2.65 -9.09
C4B HEC C . -0.24 2.32 -7.97
CMB HEC C . -0.86 2.53 -11.66
CAB HEC C . -2.52 3.23 -8.94
CBB HEC C . -3.59 2.28 -9.55
NC HEC C . 1.55 1.85 -5.66
C1C HEC C . 0.32 2.44 -5.61
C2C HEC C . -0.03 2.73 -4.25
C3C HEC C . 1.04 2.47 -3.50
C4C HEC C . 2.05 1.89 -4.37
CMC HEC C . -1.29 3.49 -3.77
CAC HEC C . 1.24 2.84 -2.01
CBC HEC C . 0.37 2.11 -1.02
ND HEC C . 4.00 0.54 -6.16
C1D HEC C . 4.06 0.61 -4.77
C2D HEC C . 5.12 -0.21 -4.29
C3D HEC C . 5.74 -0.83 -5.50
C4D HEC C . 5.01 -0.31 -6.63
CMD HEC C . 5.51 -0.45 -2.82
CAD HEC C . 6.89 -1.85 -5.49
CBD HEC C . 6.22 -3.22 -5.32
CGD HEC C . 7.22 -4.32 -5.30
O1D HEC C . 7.82 -4.63 -6.36
O2D HEC C . 7.43 -4.89 -4.21
S SO4 D . 11.51 11.53 -14.77
O1 SO4 D . 12.62 10.58 -14.76
O2 SO4 D . 11.21 11.92 -13.38
O3 SO4 D . 10.35 10.90 -15.37
O4 SO4 D . 11.91 12.71 -15.55
FE HEC E . -1.07 0.35 7.60
CHA HEC E . -3.37 2.70 8.40
CHB HEC E . -1.59 -1.20 10.61
CHC HEC E . 1.03 -2.17 6.67
CHD HEC E . -0.16 2.10 4.79
NA HEC E . -2.24 0.71 9.21
C1A HEC E . -3.09 1.78 9.37
C2A HEC E . -3.65 1.73 10.70
C3A HEC E . -3.16 0.64 11.28
C4A HEC E . -2.28 -0.03 10.37
CMA HEC E . -3.47 0.17 12.70
CAA HEC E . -4.62 2.79 11.28
CBA HEC E . -3.76 3.97 11.72
CGA HEC E . -4.58 5.17 12.15
O1A HEC E . -4.00 6.15 12.69
O2A HEC E . -5.82 5.17 11.96
NB HEC E . -0.44 -1.34 8.43
C1B HEC E . -0.79 -1.84 9.68
C2B HEC E . -0.26 -3.17 9.82
C3B HEC E . 0.52 -3.41 8.77
C4B HEC E . 0.37 -2.29 7.86
CMB HEC E . -0.36 -3.92 11.17
CAB HEC E . 1.38 -4.65 8.44
CBB HEC E . 0.53 -5.94 8.43
NC HEC E . 0.18 0.03 6.04
C1C HEC E . 1.00 -1.07 5.87
C2C HEC E . 1.65 -0.97 4.58
C3C HEC E . 1.42 0.27 4.13
C4C HEC E . 0.45 0.89 5.00
CMC HEC E . 2.75 -1.92 4.08
CAC HEC E . 2.07 0.96 2.90
CBC HEC E . 1.75 0.33 1.56
ND HEC E . -1.63 2.09 6.76
C1D HEC E . -1.21 2.56 5.52
C2D HEC E . -2.08 3.63 5.11
C3D HEC E . -3.07 3.82 6.22
C4D HEC E . -2.73 2.82 7.21
CMD HEC E . -2.05 4.46 3.84
CAD HEC E . -4.23 4.81 6.21
CBD HEC E . -5.32 4.09 5.41
CGD HEC E . -6.53 4.97 5.30
O1D HEC E . -7.26 5.11 6.30
O2D HEC E . -6.76 5.52 4.18
S SO4 F . -13.99 -2.99 18.79
O1 SO4 F . -13.19 -2.56 17.65
O2 SO4 F . -14.64 -1.84 19.40
O3 SO4 F . -15.02 -3.95 18.36
O4 SO4 F . -13.13 -3.64 19.77
S SO4 G . -11.15 0.94 0.72
O1 SO4 G . -10.08 -0.01 0.47
O2 SO4 G . -10.60 2.19 1.25
O3 SO4 G . -11.85 1.22 -0.53
O4 SO4 G . -12.08 0.38 1.70
#